data_9MFH
#
_entry.id   9MFH
#
_cell.length_a   109.326
_cell.length_b   39.320
_cell.length_c   64.189
_cell.angle_alpha   90.00
_cell.angle_beta   121.18
_cell.angle_gamma   90.00
#
_symmetry.space_group_name_H-M   'C 1 2 1'
#
loop_
_entity.id
_entity.type
_entity.pdbx_description
1 polymer 'RNA (76-MER)'
2 non-polymer 'MAGNESIUM ION'
3 water water
#
_entity_poly.entity_id   1
_entity_poly.type   'polyribonucleotide'
_entity_poly.pdbx_seq_one_letter_code
;GGUAAAAGCAUAGUGGGAAAGUGACGUGAAAUUCGUCCACACGAAAGUAAGGUCAUAGUCCGAAUGCCACCUACCA
;
_entity_poly.pdbx_strand_id   A
#
loop_
_chem_comp.id
_chem_comp.type
_chem_comp.name
_chem_comp.formula
A RNA linking ADENOSINE-5'-MONOPHOSPHATE 'C10 H14 N5 O7 P'
C RNA linking CYTIDINE-5'-MONOPHOSPHATE 'C9 H14 N3 O8 P'
G RNA linking GUANOSINE-5'-MONOPHOSPHATE 'C10 H14 N5 O8 P'
MG non-polymer 'MAGNESIUM ION' 'Mg 2'
U RNA linking URIDINE-5'-MONOPHOSPHATE 'C9 H13 N2 O9 P'
#
# COMPACT_ATOMS: atom_id res chain seq x y z
MG MG B . 5.00 -3.77 20.57
MG MG C . 6.39 -3.95 -12.56
MG MG D . 3.61 -7.35 -7.40
MG MG E . -2.87 -5.42 -5.89
MG MG F . 2.82 2.96 16.92
MG MG G . -7.53 6.12 -17.44
MG MG H . 1.15 15.10 11.81
MG MG I . -8.57 -3.69 -6.01
#